data_5I3B
#
_entry.id   5I3B
#
_cell.length_a   69.620
_cell.length_b   74.420
_cell.length_c   119.690
_cell.angle_alpha   90.000
_cell.angle_beta   90.000
_cell.angle_gamma   90.000
#
_symmetry.space_group_name_H-M   'P 21 21 21'
#
loop_
_entity.id
_entity.type
_entity.pdbx_description
1 polymer Tyrosinase
2 non-polymer 'ZINC ION'
3 non-polymer benzene-1,4-diol
4 water water
#
_entity_poly.entity_id   1
_entity_poly.type   'polypeptide(L)'
_entity_poly.pdbx_seq_one_letter_code
;KYRVRKNVLHLTDTEKRDFVRTVLILKEKGIYDRYIAWHGAAGKFHTPPGSDRNAAHMSSAFLPWHREYLLRFERDLQSI
NPEVTLPYWEWETDAQMQDPSQSQIWSADFMGGNGNPIKDFIVDTGPFAAGRWTTIDEQGNPSGGLKRNFGATKEAPTLP
TRDDVLNALKITQYDTPPWDMTSQNSFRNQLEGFINGPQLHNRVHRWVGGQMGVVPTAPNDPVFFLHHANVDRIWAVWQI
IHRNQNYQPMKNGPFGQNFRDPMYPWNTTPEDVMNHRKLGYVYDIEL
;
_entity_poly.pdbx_strand_id   A,B
#
# COMPACT_ATOMS: atom_id res chain seq x y z
N LYS A 1 -26.08 0.19 11.97
CA LYS A 1 -27.50 0.40 11.74
C LYS A 1 -27.87 1.86 11.96
N TYR A 2 -26.92 2.66 12.43
CA TYR A 2 -27.14 4.08 12.68
C TYR A 2 -26.75 4.95 11.49
N ARG A 3 -25.55 4.77 10.95
CA ARG A 3 -25.10 5.64 9.86
C ARG A 3 -25.90 5.35 8.59
N VAL A 4 -26.65 6.33 8.14
CA VAL A 4 -27.48 6.19 6.95
C VAL A 4 -26.76 6.82 5.75
N ARG A 5 -26.63 6.01 4.71
CA ARG A 5 -26.03 6.43 3.45
C ARG A 5 -27.25 6.79 2.62
N LYS A 6 -27.23 7.95 1.98
CA LYS A 6 -28.39 8.37 1.21
C LYS A 6 -28.10 8.40 -0.29
N ASN A 7 -29.16 8.24 -1.07
CA ASN A 7 -29.11 8.52 -2.49
C ASN A 7 -28.67 9.97 -2.71
N VAL A 8 -27.75 10.16 -3.66
CA VAL A 8 -27.25 11.50 -3.96
C VAL A 8 -28.39 12.46 -4.28
N LEU A 9 -29.39 11.97 -5.00
CA LEU A 9 -30.52 12.81 -5.41
C LEU A 9 -31.43 13.19 -4.26
N HIS A 10 -31.33 12.52 -3.11
CA HIS A 10 -32.14 12.83 -1.94
C HIS A 10 -31.43 13.74 -0.95
N LEU A 11 -30.19 14.14 -1.25
CA LEU A 11 -29.46 15.02 -0.35
C LEU A 11 -30.01 16.43 -0.41
N THR A 12 -30.06 17.09 0.75
CA THR A 12 -30.39 18.50 0.78
C THR A 12 -29.22 19.33 0.26
N ASP A 13 -29.48 20.61 0.02
CA ASP A 13 -28.43 21.52 -0.43
C ASP A 13 -27.31 21.60 0.61
N THR A 14 -27.67 21.63 1.89
CA THR A 14 -26.66 21.69 2.93
C THR A 14 -25.94 20.37 3.10
N GLU A 15 -26.60 19.25 2.80
CA GLU A 15 -25.91 17.97 2.85
C GLU A 15 -24.91 17.83 1.71
N LYS A 16 -25.24 18.36 0.53
CA LYS A 16 -24.28 18.37 -0.56
C LYS A 16 -23.09 19.28 -0.25
N ARG A 17 -23.36 20.43 0.35
CA ARG A 17 -22.30 21.37 0.70
C ARG A 17 -21.35 20.78 1.74
N ASP A 18 -21.89 20.10 2.75
CA ASP A 18 -21.06 19.57 3.82
C ASP A 18 -20.18 18.42 3.33
N PHE A 19 -20.71 17.54 2.48
CA PHE A 19 -19.90 16.46 1.93
C PHE A 19 -18.75 17.02 1.09
N VAL A 20 -19.07 17.96 0.20
CA VAL A 20 -18.05 18.56 -0.65
C VAL A 20 -16.95 19.19 0.20
N ARG A 21 -17.34 19.98 1.20
CA ARG A 21 -16.35 20.67 2.02
C ARG A 21 -15.48 19.68 2.79
N THR A 22 -16.11 18.63 3.30
CA THR A 22 -15.39 17.59 4.05
C THR A 22 -14.31 16.96 3.17
N VAL A 23 -14.69 16.56 1.96
CA VAL A 23 -13.75 15.95 1.03
C VAL A 23 -12.60 16.90 0.74
N LEU A 24 -12.90 18.19 0.58
CA LEU A 24 -11.85 19.19 0.33
C LEU A 24 -10.90 19.28 1.52
N ILE A 25 -11.44 19.18 2.74
CA ILE A 25 -10.60 19.20 3.94
C ILE A 25 -9.72 17.97 3.98
N LEU A 26 -10.30 16.81 3.70
CA LEU A 26 -9.57 15.55 3.71
C LEU A 26 -8.46 15.59 2.67
N LYS A 27 -8.65 16.42 1.64
CA LYS A 27 -7.66 16.55 0.57
C LYS A 27 -6.54 17.48 1.01
N GLU A 28 -6.91 18.61 1.60
CA GLU A 28 -5.93 19.59 2.06
C GLU A 28 -5.02 19.00 3.15
N LYS A 29 -5.59 18.19 4.05
CA LYS A 29 -4.79 17.63 5.15
C LYS A 29 -3.77 16.61 4.67
N GLY A 30 -3.97 16.01 3.50
CA GLY A 30 -3.12 14.96 3.01
C GLY A 30 -3.70 13.56 3.19
N ILE A 31 -4.90 13.45 3.73
CA ILE A 31 -5.51 12.15 3.98
C ILE A 31 -6.08 11.55 2.70
N TYR A 32 -6.67 12.39 1.85
CA TYR A 32 -7.32 11.89 0.64
C TYR A 32 -6.34 11.14 -0.25
N ASP A 33 -5.11 11.67 -0.40
CA ASP A 33 -4.13 11.03 -1.28
C ASP A 33 -3.77 9.63 -0.80
N ARG A 34 -3.91 9.36 0.50
CA ARG A 34 -3.66 8.02 1.01
C ARG A 34 -4.62 7.01 0.38
N TYR A 35 -5.86 7.43 0.09
CA TYR A 35 -6.82 6.52 -0.52
C TYR A 35 -6.55 6.30 -2.00
N ILE A 36 -6.08 7.33 -2.71
CA ILE A 36 -5.64 7.14 -4.09
C ILE A 36 -4.52 6.11 -4.15
N ALA A 37 -3.53 6.24 -3.26
CA ALA A 37 -2.37 5.37 -3.31
C ALA A 37 -2.70 3.94 -2.91
N TRP A 38 -3.51 3.78 -1.85
CA TRP A 38 -3.95 2.44 -1.44
C TRP A 38 -4.59 1.69 -2.60
N HIS A 39 -5.51 2.36 -3.30
CA HIS A 39 -6.20 1.72 -4.41
C HIS A 39 -5.25 1.40 -5.55
N GLY A 40 -4.34 2.32 -5.87
CA GLY A 40 -3.36 2.05 -6.91
C GLY A 40 -2.42 0.92 -6.53
N ALA A 41 -1.97 0.90 -5.27
CA ALA A 41 -1.07 -0.15 -4.81
C ALA A 41 -1.74 -1.52 -4.88
N ALA A 42 -2.99 -1.61 -4.42
CA ALA A 42 -3.70 -2.89 -4.46
C ALA A 42 -3.90 -3.37 -5.89
N GLY A 43 -4.10 -2.44 -6.83
CA GLY A 43 -4.21 -2.81 -8.23
C GLY A 43 -2.97 -3.46 -8.80
N LYS A 44 -1.81 -3.20 -8.19
CA LYS A 44 -0.54 -3.78 -8.61
C LYS A 44 -0.18 -5.05 -7.84
N PHE A 45 -0.98 -5.43 -6.84
CA PHE A 45 -0.67 -6.56 -5.98
C PHE A 45 -1.44 -7.77 -6.49
N HIS A 46 -0.75 -8.65 -7.22
CA HIS A 46 -1.40 -9.76 -7.89
C HIS A 46 -1.42 -11.00 -7.00
N THR A 47 -2.55 -11.72 -7.03
CA THR A 47 -2.76 -12.86 -6.15
C THR A 47 -3.13 -14.13 -6.90
N PRO A 48 -2.13 -14.97 -7.20
CA PRO A 48 -0.71 -14.80 -6.91
C PRO A 48 0.00 -14.02 -8.02
N PRO A 49 1.28 -13.67 -7.83
CA PRO A 49 2.04 -13.08 -8.93
C PRO A 49 2.01 -13.98 -10.16
N GLY A 50 1.85 -13.37 -11.32
CA GLY A 50 1.69 -14.13 -12.55
C GLY A 50 0.27 -14.07 -13.05
N SER A 51 -0.70 -14.18 -12.14
CA SER A 51 -2.09 -14.07 -12.52
C SER A 51 -2.46 -12.60 -12.73
N ASP A 52 -3.65 -12.38 -13.30
CA ASP A 52 -4.18 -11.05 -13.49
C ASP A 52 -5.24 -10.69 -12.45
N ARG A 53 -5.38 -11.50 -11.40
CA ARG A 53 -6.10 -11.06 -10.22
C ARG A 53 -5.26 -10.03 -9.47
N ASN A 54 -5.94 -9.07 -8.84
CA ASN A 54 -5.25 -8.19 -7.90
C ASN A 54 -6.07 -8.09 -6.62
N ALA A 55 -5.48 -7.46 -5.61
CA ALA A 55 -6.08 -7.45 -4.28
C ALA A 55 -7.44 -6.76 -4.28
N ALA A 56 -7.68 -5.83 -5.20
CA ALA A 56 -8.89 -5.03 -5.21
C ALA A 56 -9.81 -5.28 -6.39
N HIS A 57 -9.35 -5.95 -7.44
CA HIS A 57 -10.16 -6.14 -8.63
C HIS A 57 -9.94 -7.54 -9.20
N MET A 58 -10.79 -7.87 -10.18
CA MET A 58 -10.62 -9.05 -11.03
C MET A 58 -10.48 -10.33 -10.22
N SER A 59 -11.20 -10.40 -9.11
CA SER A 59 -11.13 -11.54 -8.19
C SER A 59 -12.11 -11.32 -7.05
N SER A 60 -12.39 -12.39 -6.32
CA SER A 60 -13.43 -12.38 -5.29
C SER A 60 -13.34 -11.23 -4.30
N ALA A 61 -12.12 -10.76 -4.00
CA ALA A 61 -11.95 -9.72 -3.00
C ALA A 61 -12.46 -8.36 -3.46
N PHE A 62 -12.84 -8.20 -4.73
CA PHE A 62 -13.28 -6.92 -5.26
C PHE A 62 -14.31 -6.24 -4.36
N LEU A 63 -15.36 -6.99 -3.97
CA LEU A 63 -16.44 -6.37 -3.20
C LEU A 63 -16.03 -6.10 -1.75
N PRO A 64 -15.49 -7.06 -0.98
CA PRO A 64 -15.11 -6.73 0.40
C PRO A 64 -13.97 -5.73 0.48
N TRP A 65 -13.06 -5.71 -0.50
CA TRP A 65 -11.98 -4.73 -0.48
C TRP A 65 -12.52 -3.31 -0.54
N HIS A 66 -13.46 -3.05 -1.45
CA HIS A 66 -14.00 -1.71 -1.60
C HIS A 66 -14.95 -1.35 -0.47
N ARG A 67 -15.61 -2.33 0.13
CA ARG A 67 -16.42 -2.05 1.32
C ARG A 67 -15.55 -1.54 2.45
N GLU A 68 -14.41 -2.20 2.70
CA GLU A 68 -13.46 -1.71 3.70
C GLU A 68 -12.89 -0.37 3.29
N TYR A 69 -12.58 -0.20 2.00
CA TYR A 69 -12.09 1.07 1.48
C TYR A 69 -13.06 2.20 1.79
N LEU A 70 -14.35 2.00 1.51
CA LEU A 70 -15.34 3.03 1.78
C LEU A 70 -15.55 3.23 3.28
N LEU A 71 -15.47 2.15 4.06
CA LEU A 71 -15.64 2.27 5.50
C LEU A 71 -14.56 3.17 6.11
N ARG A 72 -13.29 2.93 5.75
CA ARG A 72 -12.21 3.78 6.23
C ARG A 72 -12.40 5.22 5.77
N PHE A 73 -12.82 5.40 4.51
CA PHE A 73 -13.02 6.75 3.99
C PHE A 73 -14.13 7.47 4.74
N GLU A 74 -15.23 6.76 5.01
CA GLU A 74 -16.35 7.38 5.72
C GLU A 74 -15.96 7.76 7.15
N ARG A 75 -15.18 6.91 7.82
CA ARG A 75 -14.68 7.26 9.15
C ARG A 75 -13.84 8.52 9.11
N ASP A 76 -13.02 8.68 8.07
CA ASP A 76 -12.21 9.88 7.94
C ASP A 76 -13.08 11.10 7.63
N LEU A 77 -14.21 10.91 6.96
CA LEU A 77 -15.15 12.00 6.76
C LEU A 77 -15.74 12.44 8.10
N GLN A 78 -16.18 11.47 8.90
CA GLN A 78 -16.81 11.77 10.18
C GLN A 78 -15.84 12.44 11.15
N SER A 79 -14.55 12.07 11.10
CA SER A 79 -13.57 12.71 11.96
C SER A 79 -13.49 14.22 11.74
N ILE A 80 -13.91 14.69 10.56
CA ILE A 80 -14.03 16.12 10.30
C ILE A 80 -15.42 16.62 10.64
N ASN A 81 -16.44 15.91 10.18
CA ASN A 81 -17.84 16.28 10.43
C ASN A 81 -18.61 15.01 10.79
N PRO A 82 -18.87 14.77 12.07
CA PRO A 82 -19.53 13.51 12.47
C PRO A 82 -20.93 13.32 11.90
N GLU A 83 -21.48 14.30 11.20
CA GLU A 83 -22.81 14.17 10.61
C GLU A 83 -22.77 13.89 9.11
N VAL A 84 -21.58 13.75 8.53
CA VAL A 84 -21.42 13.48 7.11
C VAL A 84 -21.24 11.98 6.89
N THR A 85 -22.01 11.43 5.99
CA THR A 85 -21.90 10.04 5.62
C THR A 85 -21.65 9.99 4.13
N LEU A 86 -21.34 8.82 3.66
CA LEU A 86 -21.06 8.62 2.28
C LEU A 86 -22.31 8.38 1.41
N PRO A 87 -22.72 9.34 0.57
CA PRO A 87 -23.82 9.06 -0.36
C PRO A 87 -23.47 8.09 -1.47
N TYR A 88 -24.49 7.60 -2.17
CA TYR A 88 -24.29 6.69 -3.28
C TYR A 88 -24.94 7.25 -4.55
N TRP A 89 -24.26 7.06 -5.67
CA TRP A 89 -24.74 7.50 -6.99
C TRP A 89 -25.49 6.34 -7.61
N GLU A 90 -26.82 6.40 -7.59
CA GLU A 90 -27.66 5.36 -8.16
C GLU A 90 -27.69 5.55 -9.67
N TRP A 91 -26.62 5.11 -10.33
CA TRP A 91 -26.46 5.37 -11.76
C TRP A 91 -27.47 4.61 -12.61
N GLU A 92 -28.08 3.57 -12.06
CA GLU A 92 -29.06 2.78 -12.79
C GLU A 92 -30.22 3.66 -13.24
N THR A 93 -30.72 4.47 -12.30
CA THR A 93 -31.83 5.36 -12.60
C THR A 93 -31.39 6.43 -13.59
N ASP A 94 -30.22 7.02 -13.35
CA ASP A 94 -29.68 8.06 -14.22
C ASP A 94 -29.65 7.58 -15.67
N ALA A 95 -29.45 6.27 -15.88
CA ALA A 95 -29.47 5.69 -17.21
C ALA A 95 -30.85 5.74 -17.86
N GLN A 96 -31.90 6.04 -17.09
CA GLN A 96 -33.22 6.20 -17.69
C GLN A 96 -33.36 7.53 -18.43
N MET A 97 -32.57 8.53 -18.05
CA MET A 97 -32.60 9.79 -18.78
C MET A 97 -32.06 9.57 -20.19
N GLN A 98 -32.63 10.30 -21.15
CA GLN A 98 -32.08 10.29 -22.48
C GLN A 98 -30.71 10.97 -22.52
N ASP A 99 -30.41 11.82 -21.53
CA ASP A 99 -29.09 12.43 -21.40
C ASP A 99 -28.69 12.41 -19.92
N PRO A 100 -28.00 11.35 -19.49
CA PRO A 100 -27.61 11.26 -18.07
C PRO A 100 -26.65 12.34 -17.62
N SER A 101 -26.00 13.05 -18.54
CA SER A 101 -25.06 14.10 -18.15
C SER A 101 -25.77 15.28 -17.47
N GLN A 102 -27.10 15.37 -17.59
CA GLN A 102 -27.86 16.42 -16.94
C GLN A 102 -28.34 16.03 -15.55
N SER A 103 -27.86 14.91 -15.01
CA SER A 103 -28.20 14.53 -13.65
C SER A 103 -27.65 15.55 -12.65
N GLN A 104 -28.41 15.76 -11.56
CA GLN A 104 -28.04 16.78 -10.59
C GLN A 104 -26.72 16.46 -9.88
N ILE A 105 -26.25 15.21 -9.95
CA ILE A 105 -24.97 14.87 -9.34
C ILE A 105 -23.84 15.66 -10.00
N TRP A 106 -23.99 15.99 -11.28
CA TRP A 106 -22.96 16.71 -12.02
C TRP A 106 -23.15 18.23 -11.96
N SER A 107 -23.98 18.71 -11.04
CA SER A 107 -24.17 20.16 -10.91
C SER A 107 -22.94 20.80 -10.26
N ALA A 108 -22.82 22.11 -10.47
CA ALA A 108 -21.66 22.86 -9.96
C ALA A 108 -21.59 22.87 -8.44
N ASP A 109 -22.68 22.55 -7.76
CA ASP A 109 -22.67 22.52 -6.30
C ASP A 109 -22.28 21.17 -5.71
N PHE A 110 -22.03 20.17 -6.56
CA PHE A 110 -21.69 18.85 -6.06
C PHE A 110 -20.43 18.30 -6.72
N MET A 111 -20.59 17.44 -7.72
CA MET A 111 -19.43 16.83 -8.36
C MET A 111 -18.84 17.67 -9.49
N GLY A 112 -19.59 18.63 -10.01
CA GLY A 112 -19.17 19.36 -11.20
C GLY A 112 -19.51 18.59 -12.47
N GLY A 113 -19.31 19.26 -13.59
CA GLY A 113 -19.77 18.78 -14.88
C GLY A 113 -18.78 17.93 -15.64
N ASN A 114 -19.05 17.75 -16.92
CA ASN A 114 -18.19 17.00 -17.83
C ASN A 114 -16.91 17.77 -18.09
N GLY A 115 -15.93 17.07 -18.69
CA GLY A 115 -14.70 17.72 -19.08
C GLY A 115 -14.89 18.67 -20.24
N ASN A 116 -14.03 19.69 -20.30
CA ASN A 116 -14.09 20.70 -21.35
C ASN A 116 -13.14 20.29 -22.48
N PRO A 117 -13.65 19.91 -23.65
CA PRO A 117 -12.74 19.47 -24.73
C PRO A 117 -11.74 20.53 -25.16
N ILE A 118 -12.06 21.82 -25.00
CA ILE A 118 -11.11 22.87 -25.33
C ILE A 118 -9.89 22.81 -24.42
N LYS A 119 -10.07 22.35 -23.18
CA LYS A 119 -8.99 22.23 -22.21
C LYS A 119 -8.58 20.78 -22.02
N ASP A 120 -8.65 19.99 -23.10
CA ASP A 120 -8.33 18.56 -23.09
C ASP A 120 -9.15 17.82 -22.03
N PHE A 121 -10.45 18.15 -21.96
CA PHE A 121 -11.44 17.48 -21.12
C PHE A 121 -11.13 17.66 -19.63
N ILE A 122 -10.40 18.72 -19.29
CA ILE A 122 -10.28 19.14 -17.90
C ILE A 122 -11.64 19.59 -17.39
N VAL A 123 -11.98 19.18 -16.16
CA VAL A 123 -13.20 19.64 -15.52
C VAL A 123 -12.99 21.08 -15.06
N ASP A 124 -13.81 22.01 -15.58
CA ASP A 124 -13.68 23.42 -15.22
C ASP A 124 -14.92 23.95 -14.51
N THR A 125 -15.80 23.06 -14.02
CA THR A 125 -16.96 23.46 -13.24
C THR A 125 -17.04 22.59 -11.99
N GLY A 126 -17.57 23.17 -10.92
CA GLY A 126 -17.77 22.44 -9.69
C GLY A 126 -16.60 22.58 -8.73
N PRO A 127 -16.77 22.07 -7.51
CA PRO A 127 -15.76 22.28 -6.46
C PRO A 127 -14.42 21.61 -6.76
N PHE A 128 -14.38 20.65 -7.67
CA PHE A 128 -13.16 19.90 -7.95
C PHE A 128 -12.55 20.27 -9.31
N ALA A 129 -12.94 21.42 -9.85
CA ALA A 129 -12.40 21.90 -11.11
C ALA A 129 -10.91 22.21 -10.99
N ALA A 130 -10.25 22.29 -12.13
CA ALA A 130 -8.83 22.63 -12.16
C ALA A 130 -8.59 23.99 -11.51
N GLY A 131 -7.54 24.07 -10.69
CA GLY A 131 -7.26 25.23 -9.89
C GLY A 131 -7.78 25.16 -8.47
N ARG A 132 -8.72 24.26 -8.20
CA ARG A 132 -9.24 24.04 -6.86
C ARG A 132 -8.99 22.64 -6.35
N TRP A 133 -8.46 21.74 -7.17
CA TRP A 133 -8.37 20.32 -6.83
C TRP A 133 -7.22 19.74 -7.63
N THR A 134 -6.12 19.40 -6.96
CA THR A 134 -4.95 18.85 -7.62
C THR A 134 -5.04 17.34 -7.70
N THR A 135 -4.57 16.79 -8.81
CA THR A 135 -4.56 15.34 -9.01
C THR A 135 -3.13 14.85 -9.07
N ILE A 136 -2.97 13.53 -8.92
CA ILE A 136 -1.68 12.89 -8.99
C ILE A 136 -1.74 11.77 -10.02
N ASP A 137 -0.59 11.48 -10.62
CA ASP A 137 -0.53 10.50 -11.70
C ASP A 137 -0.25 9.11 -11.12
N GLU A 138 -0.01 8.15 -12.02
CA GLU A 138 0.27 6.78 -11.60
C GLU A 138 1.51 6.70 -10.72
N GLN A 139 2.47 7.61 -10.91
CA GLN A 139 3.72 7.57 -10.17
C GLN A 139 3.67 8.36 -8.87
N GLY A 140 2.53 8.97 -8.54
CA GLY A 140 2.42 9.76 -7.33
C GLY A 140 2.83 11.21 -7.46
N ASN A 141 2.99 11.72 -8.68
CA ASN A 141 3.40 13.09 -8.96
C ASN A 141 2.21 13.90 -9.48
N PRO A 142 2.20 15.22 -9.25
CA PRO A 142 1.06 16.03 -9.70
C PRO A 142 0.78 15.86 -11.19
N SER A 143 -0.51 15.91 -11.54
CA SER A 143 -0.95 15.67 -12.91
C SER A 143 -1.83 16.76 -13.49
N GLY A 144 -2.13 17.82 -12.73
CA GLY A 144 -2.68 19.03 -13.32
C GLY A 144 -4.18 19.12 -13.49
N GLY A 145 -4.96 18.35 -12.73
CA GLY A 145 -6.40 18.46 -12.84
C GLY A 145 -7.25 17.21 -12.97
N LEU A 146 -8.55 17.40 -12.79
CA LEU A 146 -9.52 16.32 -12.88
C LEU A 146 -10.14 16.33 -14.28
N LYS A 147 -10.04 15.20 -14.96
CA LYS A 147 -10.57 15.05 -16.31
C LYS A 147 -11.77 14.12 -16.32
N ARG A 148 -12.75 14.43 -17.17
CA ARG A 148 -13.90 13.57 -17.41
C ARG A 148 -14.28 13.67 -18.88
N ASN A 149 -14.95 12.64 -19.38
CA ASN A 149 -15.42 12.63 -20.76
C ASN A 149 -16.59 11.66 -20.91
N PHE A 150 -17.78 12.14 -20.55
CA PHE A 150 -18.95 11.28 -20.41
C PHE A 150 -19.28 10.54 -21.70
N GLY A 151 -19.31 9.21 -21.63
CA GLY A 151 -19.81 8.39 -22.72
C GLY A 151 -19.12 8.56 -24.05
N ALA A 152 -17.85 8.96 -24.05
CA ALA A 152 -17.11 9.18 -25.29
C ALA A 152 -16.54 7.90 -25.87
N THR A 153 -16.71 6.78 -25.17
CA THR A 153 -16.16 5.51 -25.62
C THR A 153 -17.17 4.65 -26.39
N LYS A 154 -16.64 3.81 -27.26
CA LYS A 154 -17.47 2.92 -28.06
C LYS A 154 -17.81 1.67 -27.25
N GLU A 155 -17.00 1.39 -26.24
CA GLU A 155 -17.23 0.23 -25.38
C GLU A 155 -18.19 0.52 -24.24
N ALA A 156 -18.42 1.80 -23.90
CA ALA A 156 -19.29 2.17 -22.79
C ALA A 156 -19.99 3.49 -23.11
N PRO A 157 -20.88 3.49 -24.10
CA PRO A 157 -21.60 4.74 -24.43
C PRO A 157 -22.68 5.11 -23.44
N THR A 158 -23.18 4.15 -22.66
CA THR A 158 -24.29 4.38 -21.75
C THR A 158 -23.95 3.88 -20.36
N LEU A 159 -24.71 4.36 -19.39
CA LEU A 159 -24.64 3.84 -18.02
C LEU A 159 -25.45 2.54 -17.91
N PRO A 160 -25.08 1.66 -17.00
CA PRO A 160 -25.82 0.42 -16.80
C PRO A 160 -27.25 0.73 -16.45
N THR A 161 -28.18 -0.13 -16.83
CA THR A 161 -29.60 0.10 -16.62
C THR A 161 -30.08 -0.59 -15.35
N ARG A 162 -31.34 -0.32 -15.00
CA ARG A 162 -31.96 -0.99 -13.87
C ARG A 162 -31.94 -2.48 -14.15
N ASP A 163 -32.47 -2.90 -15.31
CA ASP A 163 -32.46 -4.32 -15.66
C ASP A 163 -31.10 -5.01 -15.52
N ASP A 164 -30.02 -4.29 -15.85
CA ASP A 164 -28.68 -4.86 -15.66
C ASP A 164 -28.43 -5.19 -14.19
N VAL A 165 -28.88 -4.31 -13.30
CA VAL A 165 -28.71 -4.51 -11.87
C VAL A 165 -29.61 -5.63 -11.37
N LEU A 166 -30.80 -5.73 -11.97
CA LEU A 166 -31.75 -6.77 -11.58
C LEU A 166 -31.26 -8.15 -11.99
N ASN A 167 -30.67 -8.24 -13.17
CA ASN A 167 -30.14 -9.50 -13.68
C ASN A 167 -28.90 -9.95 -12.91
N ALA A 168 -28.14 -9.00 -12.36
CA ALA A 168 -27.02 -9.39 -11.51
C ALA A 168 -27.50 -9.94 -10.17
N LEU A 169 -28.58 -9.37 -9.63
CA LEU A 169 -29.12 -9.82 -8.36
C LEU A 169 -29.75 -11.21 -8.43
N LYS A 170 -30.02 -11.72 -9.63
CA LYS A 170 -30.59 -13.06 -9.77
C LYS A 170 -29.54 -14.15 -9.59
N ILE A 171 -28.25 -13.81 -9.70
CA ILE A 171 -27.21 -14.83 -9.61
C ILE A 171 -27.18 -15.43 -8.22
N THR A 172 -27.06 -16.75 -8.15
CA THR A 172 -27.13 -17.45 -6.87
C THR A 172 -25.78 -17.47 -6.17
N GLN A 173 -24.72 -17.84 -6.88
CA GLN A 173 -23.39 -17.93 -6.29
C GLN A 173 -22.76 -16.55 -6.18
N TYR A 174 -22.12 -16.28 -5.03
CA TYR A 174 -21.35 -15.05 -4.89
C TYR A 174 -20.24 -14.98 -5.94
N ASP A 175 -19.48 -16.06 -6.07
CA ASP A 175 -18.39 -16.14 -7.03
C ASP A 175 -18.13 -17.61 -7.33
N THR A 176 -17.42 -17.86 -8.41
CA THR A 176 -17.11 -19.20 -8.88
C THR A 176 -15.63 -19.29 -9.22
N PRO A 177 -15.05 -20.50 -9.18
CA PRO A 177 -13.68 -20.66 -9.69
C PRO A 177 -13.60 -20.34 -11.18
N PRO A 178 -12.44 -19.88 -11.67
CA PRO A 178 -11.19 -19.70 -10.91
C PRO A 178 -11.06 -18.33 -10.23
N TRP A 179 -12.18 -17.75 -9.80
CA TRP A 179 -12.19 -16.53 -8.99
C TRP A 179 -11.42 -15.39 -9.68
N ASP A 180 -11.76 -15.11 -10.93
CA ASP A 180 -11.02 -14.08 -11.66
C ASP A 180 -11.92 -13.46 -12.72
N MET A 181 -11.29 -12.82 -13.71
CA MET A 181 -11.99 -12.21 -14.84
C MET A 181 -13.00 -13.15 -15.49
N THR A 182 -12.68 -14.43 -15.58
CA THR A 182 -13.43 -15.39 -16.37
C THR A 182 -14.53 -16.10 -15.61
N SER A 183 -14.74 -15.76 -14.34
CA SER A 183 -15.76 -16.45 -13.54
C SER A 183 -17.13 -16.30 -14.16
N GLN A 184 -17.79 -17.42 -14.42
CA GLN A 184 -19.13 -17.45 -14.98
C GLN A 184 -20.14 -17.73 -13.89
N ASN A 185 -21.37 -17.26 -14.10
CA ASN A 185 -22.46 -17.41 -13.14
C ASN A 185 -22.01 -16.95 -11.75
N SER A 186 -21.40 -15.77 -11.71
CA SER A 186 -20.80 -15.23 -10.50
C SER A 186 -21.30 -13.82 -10.28
N PHE A 187 -21.96 -13.59 -9.15
CA PHE A 187 -22.47 -12.26 -8.85
C PHE A 187 -21.33 -11.24 -8.77
N ARG A 188 -20.22 -11.61 -8.15
CA ARG A 188 -19.07 -10.71 -8.05
C ARG A 188 -18.59 -10.28 -9.43
N ASN A 189 -18.33 -11.23 -10.30
CA ASN A 189 -17.86 -10.91 -11.61
C ASN A 189 -18.85 -10.12 -12.44
N GLN A 190 -20.12 -10.42 -12.31
CA GLN A 190 -21.15 -9.74 -13.03
C GLN A 190 -21.27 -8.30 -12.62
N LEU A 191 -21.37 -8.07 -11.35
CA LEU A 191 -21.43 -6.75 -10.79
C LEU A 191 -20.13 -6.00 -11.13
N GLU A 192 -18.97 -6.64 -10.95
CA GLU A 192 -17.74 -5.96 -11.31
C GLU A 192 -17.77 -5.53 -12.78
N GLY A 193 -18.25 -6.40 -13.66
CA GLY A 193 -18.58 -5.98 -15.01
C GLY A 193 -17.79 -6.62 -16.13
N PHE A 194 -17.28 -7.83 -15.89
CA PHE A 194 -16.50 -8.53 -16.91
C PHE A 194 -17.33 -9.53 -17.72
N ILE A 195 -18.58 -9.76 -17.35
CA ILE A 195 -19.47 -10.63 -18.12
C ILE A 195 -19.95 -9.83 -19.33
N ASN A 196 -19.41 -10.13 -20.51
CA ASN A 196 -19.66 -9.36 -21.72
C ASN A 196 -19.35 -7.88 -21.49
N GLY A 197 -18.19 -7.63 -20.90
CA GLY A 197 -17.80 -6.31 -20.46
C GLY A 197 -17.54 -5.29 -21.56
N PRO A 198 -17.49 -4.00 -21.19
CA PRO A 198 -17.69 -3.55 -19.80
C PRO A 198 -19.15 -3.35 -19.43
N GLN A 199 -19.57 -3.92 -18.30
CA GLN A 199 -20.90 -3.76 -17.77
C GLN A 199 -20.82 -3.23 -16.35
N LEU A 200 -21.96 -2.76 -15.85
CA LEU A 200 -22.13 -2.35 -14.45
C LEU A 200 -20.95 -1.55 -13.92
N HIS A 201 -20.26 -2.09 -12.90
CA HIS A 201 -19.18 -1.34 -12.25
C HIS A 201 -18.10 -0.90 -13.24
N ASN A 202 -17.61 -1.83 -14.06
CA ASN A 202 -16.60 -1.47 -15.05
C ASN A 202 -17.13 -0.43 -16.03
N ARG A 203 -18.40 -0.58 -16.45
CA ARG A 203 -18.96 0.33 -17.44
C ARG A 203 -19.08 1.75 -16.90
N VAL A 204 -19.43 1.90 -15.63
CA VAL A 204 -19.52 3.24 -15.03
C VAL A 204 -18.16 3.93 -15.06
N HIS A 205 -17.11 3.20 -14.69
CA HIS A 205 -15.75 3.76 -14.76
C HIS A 205 -15.43 4.28 -16.15
N ARG A 206 -15.69 3.47 -17.18
CA ARG A 206 -15.37 3.87 -18.54
C ARG A 206 -16.34 4.92 -19.07
N TRP A 207 -17.56 4.99 -18.54
CA TRP A 207 -18.50 6.00 -19.00
C TRP A 207 -18.07 7.39 -18.53
N VAL A 208 -17.64 7.51 -17.27
CA VAL A 208 -17.19 8.80 -16.75
C VAL A 208 -15.96 9.28 -17.52
N GLY A 209 -15.02 8.37 -17.79
CA GLY A 209 -13.80 8.75 -18.47
C GLY A 209 -12.83 9.46 -17.54
N GLY A 210 -11.80 10.05 -18.17
CA GLY A 210 -10.78 10.74 -17.40
C GLY A 210 -10.07 9.81 -16.44
N GLN A 211 -9.75 10.32 -15.25
CA GLN A 211 -9.06 9.50 -14.26
C GLN A 211 -9.89 8.28 -13.88
N MET A 212 -11.22 8.43 -13.82
CA MET A 212 -12.10 7.33 -13.46
C MET A 212 -12.01 6.15 -14.41
N GLY A 213 -11.50 6.36 -15.63
CA GLY A 213 -11.47 5.28 -16.61
C GLY A 213 -10.31 4.31 -16.47
N VAL A 214 -9.36 4.49 -15.64
CA VAL A 214 -8.17 3.67 -15.52
C VAL A 214 -7.87 3.45 -14.04
N VAL A 215 -7.41 2.30 -13.80
CA VAL A 215 -7.32 1.84 -12.41
C VAL A 215 -6.40 2.71 -11.55
N PRO A 216 -5.14 2.96 -11.93
CA PRO A 216 -4.22 3.63 -10.99
C PRO A 216 -4.63 5.04 -10.60
N THR A 217 -5.51 5.71 -11.35
CA THR A 217 -5.85 7.10 -11.06
C THR A 217 -7.31 7.31 -10.69
N ALA A 218 -8.15 6.29 -10.75
CA ALA A 218 -9.60 6.47 -10.60
C ALA A 218 -10.01 7.25 -9.36
N PRO A 219 -9.49 6.99 -8.15
CA PRO A 219 -9.96 7.75 -6.99
C PRO A 219 -9.60 9.23 -6.99
N ASN A 220 -8.87 9.73 -8.00
CA ASN A 220 -8.68 11.17 -8.11
C ASN A 220 -10.01 11.90 -8.29
N ASP A 221 -11.02 11.21 -8.80
CA ASP A 221 -12.36 11.78 -8.93
C ASP A 221 -13.19 11.40 -7.72
N PRO A 222 -13.67 12.37 -6.92
CA PRO A 222 -14.48 12.03 -5.74
C PRO A 222 -15.70 11.18 -6.05
N VAL A 223 -16.17 11.20 -7.30
CA VAL A 223 -17.32 10.38 -7.66
C VAL A 223 -16.99 8.90 -7.59
N PHE A 224 -15.69 8.56 -7.53
CA PHE A 224 -15.28 7.17 -7.29
C PHE A 224 -15.97 6.59 -6.07
N PHE A 225 -16.01 7.37 -4.97
CA PHE A 225 -16.61 6.87 -3.75
C PHE A 225 -18.12 6.83 -3.82
N LEU A 226 -18.73 7.77 -4.56
CA LEU A 226 -20.17 7.72 -4.79
C LEU A 226 -20.54 6.52 -5.66
N HIS A 227 -19.74 6.26 -6.70
CA HIS A 227 -19.95 5.09 -7.55
C HIS A 227 -19.87 3.81 -6.73
N HIS A 228 -18.80 3.65 -5.94
CA HIS A 228 -18.63 2.41 -5.21
C HIS A 228 -19.55 2.30 -4.01
N ALA A 229 -20.11 3.40 -3.52
CA ALA A 229 -21.15 3.29 -2.51
C ALA A 229 -22.41 2.64 -3.10
N ASN A 230 -22.70 2.89 -4.38
CA ASN A 230 -23.81 2.22 -5.02
C ASN A 230 -23.50 0.76 -5.30
N VAL A 231 -22.26 0.46 -5.71
CA VAL A 231 -21.84 -0.92 -5.87
C VAL A 231 -21.96 -1.67 -4.56
N ASP A 232 -21.55 -1.03 -3.46
CA ASP A 232 -21.64 -1.66 -2.15
C ASP A 232 -23.09 -1.86 -1.74
N ARG A 233 -23.97 -0.91 -2.08
CA ARG A 233 -25.39 -1.07 -1.78
C ARG A 233 -26.00 -2.24 -2.54
N ILE A 234 -25.66 -2.37 -3.83
CA ILE A 234 -26.17 -3.48 -4.63
C ILE A 234 -25.71 -4.82 -4.04
N TRP A 235 -24.47 -4.87 -3.57
CA TRP A 235 -23.99 -6.08 -2.89
C TRP A 235 -24.79 -6.36 -1.63
N ALA A 236 -25.03 -5.33 -0.82
CA ALA A 236 -25.79 -5.50 0.41
C ALA A 236 -27.20 -6.01 0.12
N VAL A 237 -27.80 -5.55 -0.98
CA VAL A 237 -29.12 -6.05 -1.36
C VAL A 237 -29.02 -7.52 -1.75
N TRP A 238 -27.99 -7.89 -2.51
CA TRP A 238 -27.81 -9.29 -2.89
C TRP A 238 -27.63 -10.17 -1.67
N GLN A 239 -26.95 -9.68 -0.64
CA GLN A 239 -26.76 -10.46 0.57
C GLN A 239 -28.07 -10.65 1.32
N ILE A 240 -28.93 -9.64 1.29
CA ILE A 240 -30.24 -9.75 1.93
C ILE A 240 -31.13 -10.74 1.19
N ILE A 241 -31.10 -10.69 -0.14
CA ILE A 241 -31.92 -11.60 -0.95
C ILE A 241 -31.50 -13.04 -0.73
N HIS A 242 -30.21 -13.32 -0.80
CA HIS A 242 -29.69 -14.69 -0.71
C HIS A 242 -29.20 -14.95 0.71
N ARG A 243 -30.15 -15.30 1.59
CA ARG A 243 -29.81 -15.58 2.98
C ARG A 243 -29.03 -16.88 3.14
N ASN A 244 -29.13 -17.79 2.19
CA ASN A 244 -28.45 -19.09 2.26
C ASN A 244 -27.11 -19.08 1.54
N GLN A 245 -26.61 -17.91 1.18
CA GLN A 245 -25.35 -17.78 0.46
C GLN A 245 -24.38 -16.96 1.29
N ASN A 246 -23.10 -17.28 1.16
CA ASN A 246 -22.03 -16.57 1.86
C ASN A 246 -20.90 -16.27 0.86
N TYR A 247 -19.88 -15.59 1.36
CA TYR A 247 -18.72 -15.24 0.55
C TYR A 247 -18.02 -16.49 0.01
N GLN A 248 -17.46 -16.35 -1.18
CA GLN A 248 -16.62 -17.39 -1.77
C GLN A 248 -15.40 -16.72 -2.40
N PRO A 249 -14.23 -17.39 -2.33
CA PRO A 249 -14.05 -18.72 -1.73
C PRO A 249 -13.90 -18.69 -0.22
N MET A 250 -14.28 -19.79 0.43
CA MET A 250 -14.06 -19.92 1.87
C MET A 250 -12.63 -20.36 2.16
N LYS A 251 -12.09 -21.23 1.31
CA LYS A 251 -10.72 -21.71 1.45
C LYS A 251 -10.23 -22.20 0.09
N ASN A 252 -8.92 -22.41 0.01
CA ASN A 252 -8.24 -22.98 -1.16
C ASN A 252 -8.29 -22.07 -2.38
N GLY A 253 -8.69 -20.81 -2.22
CA GLY A 253 -8.44 -19.82 -3.24
C GLY A 253 -7.05 -19.22 -3.08
N PRO A 254 -6.71 -18.32 -4.00
CA PRO A 254 -5.43 -17.60 -3.87
C PRO A 254 -5.38 -16.83 -2.56
N PHE A 255 -4.19 -16.75 -1.98
CA PHE A 255 -4.04 -16.03 -0.73
C PHE A 255 -4.36 -14.55 -0.92
N GLY A 256 -5.18 -14.02 -0.03
CA GLY A 256 -5.73 -12.68 -0.19
C GLY A 256 -7.14 -12.66 -0.72
N GLN A 257 -7.67 -13.82 -1.14
CA GLN A 257 -9.01 -13.94 -1.68
C GLN A 257 -9.95 -14.76 -0.82
N ASN A 258 -9.42 -15.54 0.12
CA ASN A 258 -10.25 -16.40 0.94
C ASN A 258 -10.97 -15.60 2.03
N PHE A 259 -11.98 -16.25 2.62
CA PHE A 259 -12.86 -15.59 3.59
C PHE A 259 -12.08 -14.95 4.74
N ARG A 260 -10.98 -15.56 5.18
CA ARG A 260 -10.26 -15.09 6.37
C ARG A 260 -8.84 -14.65 6.02
N ASP A 261 -8.56 -14.41 4.73
CA ASP A 261 -7.27 -13.87 4.32
C ASP A 261 -7.24 -12.36 4.49
N PRO A 262 -6.09 -11.79 4.85
CA PRO A 262 -5.96 -10.33 4.87
C PRO A 262 -5.98 -9.78 3.45
N MET A 263 -6.66 -8.65 3.28
CA MET A 263 -6.74 -7.97 1.99
C MET A 263 -5.71 -6.85 1.96
N TYR A 264 -4.64 -7.04 1.18
CA TYR A 264 -3.65 -6.00 0.94
C TYR A 264 -4.35 -4.74 0.47
N PRO A 265 -3.94 -3.56 0.98
CA PRO A 265 -2.80 -3.31 1.86
C PRO A 265 -3.09 -3.33 3.35
N TRP A 266 -4.21 -3.91 3.76
CA TRP A 266 -4.60 -3.94 5.16
C TRP A 266 -4.49 -5.36 5.71
N ASN A 267 -4.83 -5.49 6.99
CA ASN A 267 -5.02 -6.80 7.61
C ASN A 267 -6.48 -7.23 7.59
N THR A 268 -7.38 -6.34 7.17
CA THR A 268 -8.80 -6.65 7.10
C THR A 268 -9.06 -7.87 6.22
N THR A 269 -9.93 -8.75 6.70
CA THR A 269 -10.37 -9.91 5.97
C THR A 269 -11.76 -9.68 5.40
N PRO A 270 -12.16 -10.42 4.35
CA PRO A 270 -13.55 -10.34 3.89
C PRO A 270 -14.56 -10.59 4.99
N GLU A 271 -14.27 -11.55 5.89
CA GLU A 271 -15.18 -11.81 7.01
C GLU A 271 -15.42 -10.56 7.84
N ASP A 272 -14.38 -9.75 8.05
CA ASP A 272 -14.51 -8.56 8.88
C ASP A 272 -15.59 -7.61 8.36
N VAL A 273 -15.83 -7.59 7.05
CA VAL A 273 -16.74 -6.65 6.43
C VAL A 273 -17.95 -7.34 5.79
N MET A 274 -18.15 -8.63 6.07
CA MET A 274 -19.23 -9.36 5.41
C MET A 274 -20.60 -8.85 5.82
N ASN A 275 -20.76 -8.38 7.05
CA ASN A 275 -22.02 -7.82 7.54
C ASN A 275 -21.85 -6.30 7.61
N HIS A 276 -22.43 -5.59 6.65
CA HIS A 276 -22.23 -4.14 6.59
C HIS A 276 -22.90 -3.42 7.74
N ARG A 277 -24.00 -3.96 8.26
CA ARG A 277 -24.65 -3.35 9.42
C ARG A 277 -23.76 -3.40 10.64
N LYS A 278 -23.02 -4.51 10.81
CA LYS A 278 -22.07 -4.63 11.91
C LYS A 278 -20.98 -3.56 11.82
N LEU A 279 -20.72 -3.02 10.63
CA LEU A 279 -19.75 -1.97 10.45
C LEU A 279 -20.27 -0.61 10.85
N GLY A 280 -21.54 -0.51 11.21
CA GLY A 280 -22.11 0.71 11.74
C GLY A 280 -22.82 1.60 10.75
N TYR A 281 -23.21 1.11 9.59
CA TYR A 281 -23.94 1.92 8.61
C TYR A 281 -25.03 1.15 7.90
N VAL A 282 -25.94 1.85 7.23
CA VAL A 282 -27.01 1.29 6.40
C VAL A 282 -27.37 2.17 5.21
N TYR A 283 -28.01 1.60 4.22
CA TYR A 283 -28.44 2.37 3.07
C TYR A 283 -29.87 2.82 3.37
N ASP A 284 -30.26 3.97 2.82
CA ASP A 284 -31.57 4.56 3.09
C ASP A 284 -32.71 3.66 2.63
N ILE A 285 -32.49 2.86 1.58
CA ILE A 285 -33.52 1.95 1.11
C ILE A 285 -33.77 0.79 2.08
N GLU A 286 -32.89 0.60 3.06
CA GLU A 286 -33.09 -0.46 4.05
C GLU A 286 -34.07 -0.07 5.15
N LEU A 287 -34.52 1.19 5.18
CA LEU A 287 -35.43 1.64 6.23
C LEU A 287 -36.86 1.76 5.70
N LYS B 1 11.07 -6.30 25.36
CA LYS B 1 12.12 -6.99 26.08
C LYS B 1 12.25 -8.49 25.83
N TYR B 2 11.16 -9.15 25.42
CA TYR B 2 11.17 -10.60 25.39
C TYR B 2 11.90 -11.14 24.15
N ARG B 3 11.55 -10.63 22.97
CA ARG B 3 12.16 -11.07 21.73
C ARG B 3 13.56 -10.46 21.59
N VAL B 4 14.59 -11.29 21.59
CA VAL B 4 15.96 -10.80 21.43
C VAL B 4 16.40 -11.03 19.99
N ARG B 5 16.87 -9.97 19.35
CA ARG B 5 17.37 -10.03 17.98
C ARG B 5 18.89 -10.13 18.00
N LYS B 6 19.42 -11.21 17.44
CA LYS B 6 20.83 -11.56 17.57
C LYS B 6 21.61 -11.17 16.32
N ASN B 7 22.90 -10.93 16.52
CA ASN B 7 23.83 -10.80 15.41
C ASN B 7 23.79 -12.07 14.56
N VAL B 8 23.75 -11.89 13.23
CA VAL B 8 23.69 -13.03 12.32
C VAL B 8 24.83 -13.99 12.58
N LEU B 9 26.02 -13.47 12.87
CA LEU B 9 27.18 -14.32 13.13
C LEU B 9 27.08 -15.06 14.47
N HIS B 10 26.15 -14.67 15.34
CA HIS B 10 25.98 -15.34 16.62
C HIS B 10 24.88 -16.39 16.59
N LEU B 11 24.22 -16.57 15.45
CA LEU B 11 23.17 -17.57 15.34
C LEU B 11 23.78 -18.97 15.30
N THR B 12 23.10 -19.91 15.96
CA THR B 12 23.48 -21.31 15.83
C THR B 12 23.07 -21.83 14.46
N ASP B 13 23.57 -23.02 14.11
CA ASP B 13 23.20 -23.63 12.84
C ASP B 13 21.70 -23.90 12.78
N THR B 14 21.11 -24.31 13.90
CA THR B 14 19.67 -24.57 13.92
C THR B 14 18.88 -23.27 13.92
N GLU B 15 19.44 -22.19 14.47
CA GLU B 15 18.77 -20.89 14.40
C GLU B 15 18.77 -20.36 12.98
N LYS B 16 19.86 -20.57 12.23
CA LYS B 16 19.90 -20.15 10.83
C LYS B 16 18.91 -20.95 9.99
N ARG B 17 18.84 -22.26 10.23
CA ARG B 17 17.92 -23.10 9.46
C ARG B 17 16.47 -22.73 9.74
N ASP B 18 16.14 -22.45 11.01
CA ASP B 18 14.76 -22.12 11.35
C ASP B 18 14.34 -20.77 10.76
N PHE B 19 15.24 -19.79 10.75
CA PHE B 19 14.92 -18.50 10.16
C PHE B 19 14.66 -18.64 8.66
N VAL B 20 15.56 -19.35 7.97
CA VAL B 20 15.39 -19.59 6.53
C VAL B 20 14.07 -20.31 6.28
N ARG B 21 13.78 -21.35 7.09
CA ARG B 21 12.53 -22.09 6.94
C ARG B 21 11.32 -21.17 7.09
N THR B 22 11.35 -20.31 8.09
CA THR B 22 10.24 -19.38 8.35
C THR B 22 10.01 -18.46 7.16
N VAL B 23 11.09 -17.84 6.68
CA VAL B 23 10.99 -16.93 5.54
C VAL B 23 10.42 -17.64 4.33
N LEU B 24 10.84 -18.89 4.10
CA LEU B 24 10.32 -19.66 2.97
C LEU B 24 8.83 -19.94 3.13
N ILE B 25 8.39 -20.23 4.35
CA ILE B 25 6.97 -20.46 4.59
C ILE B 25 6.17 -19.19 4.37
N LEU B 26 6.69 -18.07 4.88
CA LEU B 26 6.03 -16.79 4.73
C LEU B 26 5.92 -16.43 3.25
N LYS B 27 6.87 -16.93 2.46
CA LYS B 27 6.90 -16.68 1.02
C LYS B 27 5.86 -17.56 0.32
N GLU B 28 5.85 -18.84 0.67
CA GLU B 28 4.91 -19.78 0.08
C GLU B 28 3.47 -19.39 0.36
N LYS B 29 3.20 -18.92 1.57
CA LYS B 29 1.84 -18.57 1.96
C LYS B 29 1.32 -17.33 1.25
N GLY B 30 2.21 -16.46 0.75
CA GLY B 30 1.81 -15.21 0.16
C GLY B 30 1.99 -14.01 1.06
N ILE B 31 2.53 -14.20 2.27
CA ILE B 31 2.69 -13.10 3.21
C ILE B 31 3.90 -12.25 2.87
N TYR B 32 4.98 -12.89 2.41
CA TYR B 32 6.22 -12.18 2.11
C TYR B 32 6.00 -11.08 1.06
N ASP B 33 5.21 -11.38 0.02
CA ASP B 33 5.00 -10.42 -1.05
C ASP B 33 4.30 -9.16 -0.56
N ARG B 34 3.54 -9.25 0.53
CA ARG B 34 2.91 -8.07 1.10
C ARG B 34 3.95 -7.05 1.54
N TYR B 35 5.11 -7.51 2.00
CA TYR B 35 6.16 -6.61 2.45
C TYR B 35 6.90 -5.99 1.28
N ILE B 36 7.09 -6.75 0.20
CA ILE B 36 7.66 -6.19 -1.02
C ILE B 36 6.78 -5.05 -1.53
N ALA B 37 5.46 -5.29 -1.58
CA ALA B 37 4.54 -4.30 -2.14
C ALA B 37 4.40 -3.07 -1.22
N TRP B 38 4.27 -3.30 0.09
CA TRP B 38 4.19 -2.20 1.05
C TRP B 38 5.37 -1.24 0.87
N HIS B 39 6.57 -1.80 0.81
CA HIS B 39 7.78 -0.99 0.67
C HIS B 39 7.80 -0.24 -0.66
N GLY B 40 7.43 -0.91 -1.74
CA GLY B 40 7.36 -0.24 -3.03
C GLY B 40 6.30 0.84 -3.08
N ALA B 41 5.13 0.57 -2.50
CA ALA B 41 4.05 1.57 -2.49
C ALA B 41 4.47 2.83 -1.75
N ALA B 42 5.10 2.68 -0.58
CA ALA B 42 5.56 3.84 0.18
C ALA B 42 6.61 4.63 -0.58
N GLY B 43 7.45 3.95 -1.36
CA GLY B 43 8.42 4.65 -2.20
C GLY B 43 7.80 5.55 -3.25
N LYS B 44 6.56 5.27 -3.64
CA LYS B 44 5.83 6.07 -4.61
C LYS B 44 4.94 7.13 -3.99
N PHE B 45 4.84 7.16 -2.66
CA PHE B 45 3.92 8.06 -1.95
C PHE B 45 4.72 9.25 -1.44
N HIS B 46 4.64 10.36 -2.16
CA HIS B 46 5.47 11.53 -1.87
C HIS B 46 4.78 12.47 -0.89
N THR B 47 5.56 13.03 0.03
CA THR B 47 5.05 13.87 1.10
C THR B 47 5.76 15.22 1.14
N PRO B 48 5.17 16.24 0.48
CA PRO B 48 3.93 16.17 -0.29
C PRO B 48 4.21 15.75 -1.74
N PRO B 49 3.16 15.50 -2.52
CA PRO B 49 3.36 15.24 -3.95
C PRO B 49 4.12 16.40 -4.61
N GLY B 50 5.06 16.04 -5.47
CA GLY B 50 5.92 17.03 -6.10
C GLY B 50 7.32 17.01 -5.55
N SER B 51 7.44 16.87 -4.23
CA SER B 51 8.73 16.78 -3.56
C SER B 51 9.34 15.39 -3.75
N ASP B 52 10.60 15.25 -3.35
CA ASP B 52 11.27 13.96 -3.42
C ASP B 52 11.30 13.25 -2.07
N ARG B 53 10.58 13.76 -1.08
CA ARG B 53 10.30 12.97 0.10
C ARG B 53 9.27 11.90 -0.23
N ASN B 54 9.41 10.73 0.36
CA ASN B 54 8.34 9.72 0.32
C ASN B 54 8.11 9.18 1.72
N ALA B 55 7.05 8.38 1.86
CA ALA B 55 6.61 7.94 3.17
C ALA B 55 7.68 7.12 3.89
N ALA B 56 8.55 6.44 3.14
CA ALA B 56 9.52 5.53 3.74
C ALA B 56 10.97 5.96 3.60
N HIS B 57 11.27 6.93 2.74
CA HIS B 57 12.66 7.32 2.52
C HIS B 57 12.78 8.83 2.38
N MET B 58 14.03 9.29 2.36
CA MET B 58 14.39 10.67 2.01
C MET B 58 13.65 11.69 2.86
N SER B 59 13.39 11.34 4.12
CA SER B 59 12.66 12.20 5.03
C SER B 59 12.69 11.57 6.42
N SER B 60 12.15 12.30 7.40
CA SER B 60 12.30 11.91 8.80
C SER B 60 11.65 10.56 9.09
N ALA B 61 10.59 10.19 8.37
CA ALA B 61 9.88 8.96 8.66
C ALA B 61 10.68 7.71 8.28
N PHE B 62 11.83 7.87 7.63
CA PHE B 62 12.63 6.73 7.19
C PHE B 62 12.84 5.72 8.32
N LEU B 63 13.27 6.19 9.49
CA LEU B 63 13.58 5.25 10.57
C LEU B 63 12.32 4.65 11.20
N PRO B 64 11.32 5.43 11.64
CA PRO B 64 10.14 4.78 12.23
C PRO B 64 9.34 3.94 11.25
N TRP B 65 9.33 4.29 9.97
CA TRP B 65 8.62 3.48 8.98
C TRP B 65 9.20 2.08 8.92
N HIS B 66 10.53 1.97 8.85
CA HIS B 66 11.15 0.66 8.73
C HIS B 66 11.13 -0.12 10.04
N ARG B 67 11.12 0.57 11.18
CA ARG B 67 10.96 -0.12 12.45
C ARG B 67 9.59 -0.79 12.53
N GLU B 68 8.54 -0.08 12.12
CA GLU B 68 7.21 -0.68 12.04
C GLU B 68 7.19 -1.79 10.99
N TYR B 69 7.87 -1.56 9.86
CA TYR B 69 7.99 -2.59 8.82
C TYR B 69 8.58 -3.87 9.38
N LEU B 70 9.70 -3.76 10.10
CA LEU B 70 10.34 -4.95 10.68
C LEU B 70 9.49 -5.54 11.80
N LEU B 71 8.80 -4.70 12.56
CA LEU B 71 7.96 -5.20 13.64
C LEU B 71 6.86 -6.10 13.11
N ARG B 72 6.16 -5.65 12.06
CA ARG B 72 5.13 -6.48 11.44
C ARG B 72 5.73 -7.75 10.87
N PHE B 73 6.90 -7.64 10.22
CA PHE B 73 7.54 -8.81 9.64
C PHE B 73 7.90 -9.84 10.71
N GLU B 74 8.44 -9.38 11.83
CA GLU B 74 8.83 -10.29 12.91
C GLU B 74 7.62 -10.99 13.52
N ARG B 75 6.50 -10.26 13.67
CA ARG B 75 5.27 -10.89 14.15
C ARG B 75 4.80 -11.98 13.20
N ASP B 76 4.95 -11.76 11.89
CA ASP B 76 4.58 -12.79 10.94
C ASP B 76 5.54 -13.98 11.00
N LEU B 77 6.80 -13.73 11.36
CA LEU B 77 7.72 -14.83 11.61
C LEU B 77 7.28 -15.64 12.82
N GLN B 78 6.93 -14.97 13.89
CA GLN B 78 6.50 -15.61 15.11
C GLN B 78 5.24 -16.42 14.91
N SER B 79 4.34 -15.93 14.06
CA SER B 79 3.11 -16.63 13.75
C SER B 79 3.39 -18.06 13.27
N ILE B 80 4.53 -18.24 12.60
CA ILE B 80 4.91 -19.55 12.09
C ILE B 80 5.71 -20.32 13.13
N ASN B 81 6.71 -19.68 13.72
CA ASN B 81 7.54 -20.28 14.77
C ASN B 81 7.75 -19.23 15.84
N PRO B 82 7.02 -19.32 16.97
CA PRO B 82 7.12 -18.28 18.00
C PRO B 82 8.48 -18.15 18.65
N GLU B 83 9.47 -18.93 18.20
CA GLU B 83 10.83 -18.85 18.75
C GLU B 83 11.79 -18.23 17.74
N VAL B 84 11.31 -17.82 16.57
CA VAL B 84 12.15 -17.22 15.54
C VAL B 84 12.03 -15.70 15.63
N THR B 85 13.18 -15.05 15.71
CA THR B 85 13.26 -13.60 15.76
C THR B 85 13.99 -13.15 14.50
N LEU B 86 14.10 -11.85 14.28
CA LEU B 86 14.78 -11.33 13.10
C LEU B 86 16.20 -10.88 13.43
N PRO B 87 17.19 -11.62 12.95
CA PRO B 87 18.60 -11.26 13.20
C PRO B 87 18.97 -9.98 12.46
N TYR B 88 20.14 -9.45 12.79
CA TYR B 88 20.66 -8.25 12.15
C TYR B 88 22.04 -8.51 11.57
N TRP B 89 22.29 -7.93 10.40
CA TRP B 89 23.57 -8.04 9.70
C TRP B 89 24.44 -6.86 10.09
N GLU B 90 25.42 -7.09 10.96
CA GLU B 90 26.34 -6.06 11.42
C GLU B 90 27.40 -5.84 10.34
N TRP B 91 27.01 -5.11 9.29
CA TRP B 91 27.90 -4.94 8.14
C TRP B 91 29.13 -4.10 8.46
N GLU B 92 29.12 -3.33 9.54
CA GLU B 92 30.28 -2.51 9.84
C GLU B 92 31.49 -3.35 10.25
N THR B 93 31.25 -4.53 10.84
CA THR B 93 32.37 -5.43 11.13
C THR B 93 32.72 -6.29 9.93
N ASP B 94 31.74 -6.66 9.10
CA ASP B 94 32.05 -7.34 7.85
C ASP B 94 32.95 -6.49 6.95
N ALA B 95 32.83 -5.17 7.04
CA ALA B 95 33.69 -4.28 6.27
C ALA B 95 35.15 -4.36 6.70
N GLN B 96 35.44 -4.97 7.85
CA GLN B 96 36.82 -5.16 8.29
C GLN B 96 37.52 -6.26 7.51
N MET B 97 36.78 -7.21 6.97
CA MET B 97 37.36 -8.27 6.16
C MET B 97 37.94 -7.70 4.86
N GLN B 98 39.03 -8.32 4.40
CA GLN B 98 39.58 -7.94 3.11
C GLN B 98 38.65 -8.32 1.96
N ASP B 99 37.78 -9.32 2.18
CA ASP B 99 36.75 -9.68 1.20
C ASP B 99 35.47 -10.00 1.96
N PRO B 100 34.60 -9.01 2.15
CA PRO B 100 33.38 -9.26 2.94
C PRO B 100 32.47 -10.33 2.35
N SER B 101 32.65 -10.70 1.07
CA SER B 101 31.83 -11.75 0.48
C SER B 101 32.09 -13.11 1.12
N GLN B 102 33.19 -13.26 1.85
CA GLN B 102 33.49 -14.50 2.57
C GLN B 102 32.81 -14.57 3.93
N SER B 103 32.00 -13.56 4.28
CA SER B 103 31.30 -13.58 5.56
C SER B 103 30.31 -14.73 5.62
N GLN B 104 30.15 -15.29 6.83
CA GLN B 104 29.29 -16.46 7.02
C GLN B 104 27.82 -16.17 6.72
N ILE B 105 27.43 -14.89 6.69
CA ILE B 105 26.04 -14.57 6.36
C ILE B 105 25.71 -15.04 4.95
N TRP B 106 26.69 -15.05 4.06
CA TRP B 106 26.51 -15.46 2.67
C TRP B 106 26.73 -16.95 2.46
N SER B 107 26.74 -17.75 3.53
CA SER B 107 26.91 -19.18 3.39
C SER B 107 25.68 -19.83 2.77
N ALA B 108 25.88 -21.03 2.22
CA ALA B 108 24.80 -21.73 1.54
C ALA B 108 23.64 -22.09 2.46
N ASP B 109 23.86 -22.10 3.78
CA ASP B 109 22.81 -22.43 4.73
C ASP B 109 22.01 -21.21 5.18
N PHE B 110 22.35 -20.01 4.72
CA PHE B 110 21.65 -18.81 5.18
C PHE B 110 21.18 -17.94 4.02
N MET B 111 21.92 -16.88 3.70
CA MET B 111 21.51 -15.95 2.66
C MET B 111 21.94 -16.35 1.27
N GLY B 112 22.90 -17.27 1.14
CA GLY B 112 23.47 -17.60 -0.14
C GLY B 112 24.54 -16.61 -0.56
N GLY B 113 25.22 -16.93 -1.65
CA GLY B 113 26.41 -16.20 -2.06
C GLY B 113 26.11 -15.05 -3.00
N ASN B 114 27.19 -14.55 -3.61
CA ASN B 114 27.11 -13.49 -4.58
C ASN B 114 26.46 -13.99 -5.87
N GLY B 115 26.11 -13.06 -6.76
CA GLY B 115 25.57 -13.44 -8.04
C GLY B 115 26.62 -14.10 -8.91
N ASN B 116 26.15 -14.96 -9.81
CA ASN B 116 27.03 -15.68 -10.72
C ASN B 116 27.13 -14.88 -12.02
N PRO B 117 28.29 -14.28 -12.32
CA PRO B 117 28.38 -13.43 -13.52
C PRO B 117 28.11 -14.17 -14.82
N ILE B 118 28.37 -15.48 -14.87
CA ILE B 118 28.04 -16.28 -16.05
C ILE B 118 26.55 -16.28 -16.28
N LYS B 119 25.78 -16.16 -15.20
CA LYS B 119 24.33 -16.19 -15.25
C LYS B 119 23.72 -14.80 -15.06
N ASP B 120 24.40 -13.76 -15.55
CA ASP B 120 23.95 -12.38 -15.42
C ASP B 120 23.66 -12.06 -13.96
N PHE B 121 24.54 -12.55 -13.08
CA PHE B 121 24.55 -12.26 -11.65
C PHE B 121 23.32 -12.82 -10.92
N ILE B 122 22.68 -13.84 -11.47
CA ILE B 122 21.67 -14.59 -10.74
C ILE B 122 22.33 -15.32 -9.57
N VAL B 123 21.67 -15.29 -8.42
CA VAL B 123 22.12 -16.07 -7.27
C VAL B 123 21.78 -17.53 -7.51
N ASP B 124 22.80 -18.39 -7.55
CA ASP B 124 22.60 -19.82 -7.79
C ASP B 124 23.05 -20.69 -6.62
N THR B 125 23.26 -20.09 -5.45
CA THR B 125 23.59 -20.84 -4.24
C THR B 125 22.72 -20.35 -3.09
N GLY B 126 22.44 -21.26 -2.15
CA GLY B 126 21.68 -20.92 -0.98
C GLY B 126 20.20 -21.14 -1.14
N PRO B 127 19.45 -20.98 -0.04
CA PRO B 127 18.01 -21.29 -0.07
C PRO B 127 17.20 -20.38 -0.98
N PHE B 128 17.75 -19.22 -1.37
CA PHE B 128 17.02 -18.25 -2.17
C PHE B 128 17.52 -18.16 -3.60
N ALA B 129 18.25 -19.18 -4.05
CA ALA B 129 18.75 -19.22 -5.42
C ALA B 129 17.60 -19.34 -6.41
N ALA B 130 17.87 -18.98 -7.66
CA ALA B 130 16.88 -19.09 -8.71
C ALA B 130 16.43 -20.54 -8.86
N GLY B 131 15.12 -20.72 -8.99
CA GLY B 131 14.53 -22.04 -8.98
C GLY B 131 14.02 -22.46 -7.62
N ARG B 132 14.43 -21.75 -6.57
CA ARG B 132 13.95 -22.01 -5.22
C ARG B 132 13.35 -20.77 -4.56
N TRP B 133 13.24 -19.67 -5.30
CA TRP B 133 12.79 -18.39 -4.71
C TRP B 133 12.45 -17.47 -5.87
N THR B 134 11.16 -17.18 -6.05
CA THR B 134 10.70 -16.33 -7.12
C THR B 134 10.62 -14.88 -6.67
N THR B 135 10.96 -13.97 -7.56
CA THR B 135 10.92 -12.53 -7.30
C THR B 135 9.88 -11.85 -8.16
N ILE B 136 9.53 -10.62 -7.80
CA ILE B 136 8.58 -9.80 -8.55
C ILE B 136 9.21 -8.45 -8.86
N ASP B 137 8.77 -7.86 -9.97
CA ASP B 137 9.35 -6.61 -10.46
C ASP B 137 8.59 -5.41 -9.89
N GLU B 138 8.92 -4.23 -10.41
CA GLU B 138 8.27 -3.00 -9.96
C GLU B 138 6.76 -3.02 -10.18
N GLN B 139 6.30 -3.75 -11.18
CA GLN B 139 4.88 -3.79 -11.51
C GLN B 139 4.13 -4.88 -10.76
N GLY B 140 4.81 -5.66 -9.93
CA GLY B 140 4.19 -6.74 -9.20
C GLY B 140 4.11 -8.06 -9.95
N ASN B 141 4.85 -8.21 -11.05
CA ASN B 141 4.85 -9.40 -11.87
C ASN B 141 6.14 -10.18 -11.67
N PRO B 142 6.11 -11.51 -11.85
CA PRO B 142 7.32 -12.32 -11.64
C PRO B 142 8.51 -11.81 -12.45
N SER B 143 9.71 -11.94 -11.86
CA SER B 143 10.92 -11.39 -12.46
C SER B 143 12.07 -12.38 -12.60
N GLY B 144 11.90 -13.63 -12.22
CA GLY B 144 12.83 -14.67 -12.64
C GLY B 144 14.07 -14.88 -11.80
N GLY B 145 14.06 -14.50 -10.53
CA GLY B 145 15.22 -14.74 -9.69
C GLY B 145 15.79 -13.61 -8.87
N LEU B 146 16.65 -13.98 -7.92
CA LEU B 146 17.31 -13.04 -7.03
C LEU B 146 18.67 -12.80 -7.67
N LYS B 147 19.07 -11.53 -7.74
CA LYS B 147 20.34 -11.14 -8.35
C LYS B 147 21.11 -10.39 -7.27
N ARG B 148 22.42 -10.59 -7.25
CA ARG B 148 23.33 -9.85 -6.39
C ARG B 148 24.61 -9.58 -7.17
N ASN B 149 25.32 -8.53 -6.77
CA ASN B 149 26.59 -8.19 -7.40
C ASN B 149 27.42 -7.33 -6.44
N PHE B 150 28.09 -8.00 -5.50
CA PHE B 150 28.75 -7.32 -4.39
C PHE B 150 29.77 -6.30 -4.86
N GLY B 151 29.60 -5.05 -4.42
CA GLY B 151 30.59 -4.00 -4.63
C GLY B 151 30.93 -3.70 -6.07
N ALA B 152 29.99 -3.95 -6.99
CA ALA B 152 30.25 -3.73 -8.41
C ALA B 152 30.04 -2.28 -8.84
N THR B 153 29.63 -1.42 -7.92
CA THR B 153 29.37 -0.03 -8.25
C THR B 153 30.56 0.89 -7.98
N LYS B 154 30.60 2.00 -8.70
CA LYS B 154 31.67 2.98 -8.55
C LYS B 154 31.38 3.89 -7.38
N GLU B 155 30.12 3.94 -6.97
CA GLU B 155 29.71 4.78 -5.86
C GLU B 155 29.67 4.04 -4.53
N ALA B 156 29.67 2.70 -4.54
CA ALA B 156 29.62 1.92 -3.29
C ALA B 156 30.45 0.65 -3.46
N PRO B 157 31.78 0.79 -3.60
CA PRO B 157 32.62 -0.40 -3.74
C PRO B 157 32.83 -1.16 -2.45
N THR B 158 32.62 -0.53 -1.30
CA THR B 158 32.89 -1.14 0.00
C THR B 158 31.65 -1.01 0.87
N LEU B 159 31.62 -1.82 1.94
CA LEU B 159 30.60 -1.66 2.94
C LEU B 159 30.97 -0.51 3.88
N PRO B 160 29.96 0.13 4.46
CA PRO B 160 30.23 1.22 5.41
C PRO B 160 31.15 0.66 6.49
N THR B 161 31.99 1.49 7.09
CA THR B 161 32.90 1.02 8.11
C THR B 161 32.29 1.24 9.48
N ARG B 162 33.07 0.91 10.51
CA ARG B 162 32.64 1.06 11.91
C ARG B 162 32.73 2.58 12.24
N ASP B 163 33.91 3.18 12.03
CA ASP B 163 34.02 4.61 12.30
C ASP B 163 32.84 5.37 11.69
N ASP B 164 32.33 4.90 10.54
CA ASP B 164 31.16 5.52 9.93
C ASP B 164 29.96 5.49 10.86
N VAL B 165 29.77 4.36 11.54
CA VAL B 165 28.66 4.19 12.46
C VAL B 165 28.86 5.03 13.72
N LEU B 166 30.11 5.16 14.14
CA LEU B 166 30.45 5.93 15.34
C LEU B 166 30.24 7.42 15.11
N ASN B 167 30.59 7.89 13.91
CA ASN B 167 30.44 9.30 13.57
C ASN B 167 28.98 9.68 13.38
N ALA B 168 28.14 8.72 12.97
CA ALA B 168 26.70 9.00 12.91
C ALA B 168 26.11 9.09 14.31
N LEU B 169 26.60 8.27 15.23
CA LEU B 169 26.09 8.28 16.61
C LEU B 169 26.47 9.55 17.35
N LYS B 170 27.42 10.34 16.83
CA LYS B 170 27.79 11.59 17.47
C LYS B 170 26.79 12.72 17.21
N ILE B 171 25.95 12.58 16.19
CA ILE B 171 25.04 13.65 15.80
C ILE B 171 24.04 13.91 16.91
N THR B 172 23.78 15.19 17.19
CA THR B 172 22.93 15.56 18.32
C THR B 172 21.45 15.53 17.94
N GLN B 173 21.08 16.20 16.86
CA GLN B 173 19.68 16.25 16.45
C GLN B 173 19.29 15.01 15.66
N TYR B 174 18.08 14.50 15.94
CA TYR B 174 17.56 13.40 15.14
C TYR B 174 17.45 13.78 13.67
N ASP B 175 16.86 14.94 13.39
CA ASP B 175 16.71 15.40 12.01
C ASP B 175 16.57 16.91 12.05
N THR B 176 16.79 17.53 10.89
CA THR B 176 16.75 18.97 10.73
C THR B 176 15.93 19.33 9.50
N PRO B 177 15.37 20.55 9.45
CA PRO B 177 14.70 21.01 8.23
C PRO B 177 15.69 21.09 7.06
N PRO B 178 15.20 20.95 5.82
CA PRO B 178 13.80 20.76 5.45
C PRO B 178 13.33 19.30 5.45
N TRP B 179 13.92 18.49 6.33
CA TRP B 179 13.49 17.10 6.55
C TRP B 179 13.51 16.29 5.26
N ASP B 180 14.64 16.32 4.56
CA ASP B 180 14.72 15.61 3.29
C ASP B 180 16.18 15.22 3.03
N MET B 181 16.48 14.94 1.76
CA MET B 181 17.83 14.57 1.33
C MET B 181 18.88 15.55 1.83
N THR B 182 18.55 16.84 1.87
CA THR B 182 19.54 17.89 2.10
C THR B 182 19.71 18.23 3.58
N SER B 183 19.06 17.51 4.48
CA SER B 183 19.17 17.81 5.90
C SER B 183 20.61 17.67 6.38
N GLN B 184 21.13 18.73 6.99
CA GLN B 184 22.49 18.74 7.52
C GLN B 184 22.45 18.58 9.04
N ASN B 185 23.53 18.03 9.58
CA ASN B 185 23.64 17.73 11.02
C ASN B 185 22.42 16.97 11.50
N SER B 186 22.09 15.90 10.77
CA SER B 186 20.88 15.12 11.01
C SER B 186 21.26 13.65 11.09
N PHE B 187 21.00 13.01 12.22
CA PHE B 187 21.27 11.61 12.39
C PHE B 187 20.48 10.78 11.40
N ARG B 188 19.21 11.13 11.21
CA ARG B 188 18.38 10.39 10.26
C ARG B 188 18.98 10.41 8.86
N ASN B 189 19.29 11.62 8.36
CA ASN B 189 19.87 11.72 7.03
C ASN B 189 21.26 11.11 6.96
N GLN B 190 22.04 11.16 8.01
CA GLN B 190 23.33 10.55 7.92
C GLN B 190 23.13 9.06 7.95
N LEU B 191 22.39 8.56 8.90
CA LEU B 191 22.16 7.12 8.91
C LEU B 191 21.66 6.61 7.57
N GLU B 192 20.60 7.24 7.06
CA GLU B 192 20.03 6.85 5.77
C GLU B 192 21.09 6.86 4.68
N GLY B 193 21.94 7.88 4.66
CA GLY B 193 23.14 7.83 3.84
C GLY B 193 23.26 8.85 2.74
N PHE B 194 22.63 10.00 2.88
CA PHE B 194 22.70 11.04 1.85
C PHE B 194 23.76 12.10 2.12
N ILE B 195 24.40 12.07 3.29
CA ILE B 195 25.49 13.00 3.59
C ILE B 195 26.74 12.48 2.90
N ASN B 196 27.13 13.13 1.80
CA ASN B 196 28.22 12.65 0.94
C ASN B 196 27.92 11.23 0.47
N GLY B 197 26.70 11.01 0.01
CA GLY B 197 26.22 9.69 -0.33
C GLY B 197 26.87 9.03 -1.52
N PRO B 198 26.68 7.70 -1.66
CA PRO B 198 25.93 6.90 -0.70
C PRO B 198 26.78 6.42 0.48
N GLN B 199 26.26 6.59 1.70
CA GLN B 199 26.90 6.11 2.91
C GLN B 199 25.93 5.22 3.68
N LEU B 200 26.49 4.48 4.64
CA LEU B 200 25.74 3.67 5.59
C LEU B 200 24.59 2.90 4.94
N HIS B 201 23.35 3.22 5.33
CA HIS B 201 22.19 2.47 4.83
C HIS B 201 22.14 2.45 3.31
N ASN B 202 22.24 3.61 2.68
CA ASN B 202 22.21 3.67 1.22
C ASN B 202 23.37 2.89 0.61
N ARG B 203 24.55 2.97 1.22
CA ARG B 203 25.73 2.30 0.68
C ARG B 203 25.57 0.79 0.72
N VAL B 204 24.99 0.25 1.79
CA VAL B 204 24.77 -1.20 1.88
C VAL B 204 23.85 -1.66 0.75
N HIS B 205 22.76 -0.93 0.52
CA HIS B 205 21.86 -1.27 -0.58
C HIS B 205 22.60 -1.33 -1.90
N ARG B 206 23.41 -0.32 -2.20
CA ARG B 206 24.12 -0.29 -3.47
C ARG B 206 25.28 -1.27 -3.51
N TRP B 207 25.82 -1.66 -2.36
CA TRP B 207 26.90 -2.64 -2.34
C TRP B 207 26.40 -4.03 -2.70
N VAL B 208 25.25 -4.43 -2.16
CA VAL B 208 24.71 -5.75 -2.46
C VAL B 208 24.39 -5.88 -3.94
N GLY B 209 23.82 -4.83 -4.53
CA GLY B 209 23.44 -4.88 -5.92
C GLY B 209 22.17 -5.69 -6.15
N GLY B 210 21.90 -5.96 -7.42
CA GLY B 210 20.70 -6.71 -7.77
C GLY B 210 19.45 -5.97 -7.32
N GLN B 211 18.46 -6.73 -6.84
CA GLN B 211 17.22 -6.13 -6.37
C GLN B 211 17.47 -5.16 -5.22
N MET B 212 18.41 -5.49 -4.33
CA MET B 212 18.70 -4.65 -3.19
C MET B 212 19.16 -3.25 -3.59
N GLY B 213 19.64 -3.07 -4.83
CA GLY B 213 20.14 -1.78 -5.27
C GLY B 213 19.10 -0.79 -5.73
N VAL B 214 17.89 -1.01 -5.75
CA VAL B 214 16.77 -0.48 -6.50
C VAL B 214 15.57 -0.33 -5.56
N VAL B 215 14.98 0.76 -5.33
CA VAL B 215 13.96 0.94 -4.28
C VAL B 215 12.79 -0.01 -4.46
N PRO B 216 12.07 -0.03 -5.60
CA PRO B 216 10.84 -0.82 -5.66
C PRO B 216 11.04 -2.33 -5.51
N THR B 217 12.27 -2.85 -5.67
CA THR B 217 12.49 -4.29 -5.65
C THR B 217 13.33 -4.80 -4.49
N ALA B 218 13.91 -3.93 -3.67
CA ALA B 218 14.89 -4.37 -2.67
C ALA B 218 14.40 -5.47 -1.74
N PRO B 219 13.19 -5.43 -1.18
CA PRO B 219 12.79 -6.51 -0.26
C PRO B 219 12.65 -7.88 -0.91
N ASN B 220 12.85 -8.00 -2.24
CA ASN B 220 12.92 -9.32 -2.84
C ASN B 220 14.07 -10.14 -2.26
N ASP B 221 15.09 -9.47 -1.75
CA ASP B 221 16.22 -10.14 -1.12
C ASP B 221 15.98 -10.21 0.39
N PRO B 222 15.89 -11.41 0.97
CA PRO B 222 15.67 -11.51 2.42
C PRO B 222 16.68 -10.74 3.26
N VAL B 223 17.86 -10.48 2.70
CA VAL B 223 18.88 -9.72 3.45
C VAL B 223 18.43 -8.28 3.68
N PHE B 224 17.40 -7.81 2.96
CA PHE B 224 16.81 -6.50 3.23
C PHE B 224 16.44 -6.36 4.69
N PHE B 225 15.80 -7.38 5.25
CA PHE B 225 15.35 -7.33 6.64
C PHE B 225 16.52 -7.46 7.62
N LEU B 226 17.55 -8.22 7.25
CA LEU B 226 18.75 -8.27 8.06
C LEU B 226 19.48 -6.93 8.03
N HIS B 227 19.55 -6.30 6.86
CA HIS B 227 20.17 -4.98 6.73
C HIS B 227 19.45 -3.96 7.61
N HIS B 228 18.13 -3.88 7.50
CA HIS B 228 17.39 -2.87 8.24
C HIS B 228 17.26 -3.19 9.71
N ALA B 229 17.44 -4.46 10.11
CA ALA B 229 17.53 -4.77 11.52
C ALA B 229 18.78 -4.16 12.14
N ASN B 230 19.87 -4.07 11.37
CA ASN B 230 21.07 -3.40 11.85
C ASN B 230 20.88 -1.88 11.86
N VAL B 231 20.20 -1.34 10.84
CA VAL B 231 19.86 0.07 10.84
C VAL B 231 18.99 0.41 12.04
N ASP B 232 18.01 -0.45 12.34
CA ASP B 232 17.15 -0.23 13.49
C ASP B 232 17.92 -0.33 14.80
N ARG B 233 18.90 -1.24 14.86
CA ARG B 233 19.73 -1.36 16.05
C ARG B 233 20.57 -0.11 16.27
N ILE B 234 21.17 0.41 15.21
CA ILE B 234 21.97 1.62 15.32
C ILE B 234 21.11 2.79 15.80
N TRP B 235 19.88 2.88 15.30
CA TRP B 235 18.95 3.91 15.76
C TRP B 235 18.65 3.74 17.25
N ALA B 236 18.37 2.51 17.68
CA ALA B 236 18.09 2.26 19.09
C ALA B 236 19.27 2.64 19.97
N VAL B 237 20.49 2.43 19.48
CA VAL B 237 21.67 2.85 20.23
C VAL B 237 21.73 4.36 20.33
N TRP B 238 21.44 5.06 19.24
CA TRP B 238 21.44 6.51 19.26
C TRP B 238 20.42 7.06 20.24
N GLN B 239 19.27 6.38 20.36
CA GLN B 239 18.25 6.83 21.30
C GLN B 239 18.70 6.66 22.75
N ILE B 240 19.46 5.59 23.04
CA ILE B 240 19.98 5.40 24.39
C ILE B 240 21.03 6.45 24.71
N ILE B 241 21.92 6.74 23.76
CA ILE B 241 22.97 7.73 23.99
C ILE B 241 22.34 9.11 24.21
N HIS B 242 21.45 9.52 23.32
CA HIS B 242 20.81 10.83 23.39
C HIS B 242 19.41 10.70 23.97
N ARG B 243 19.36 10.28 25.24
CA ARG B 243 18.09 9.93 25.87
C ARG B 243 17.13 11.12 25.96
N ASN B 244 17.63 12.35 25.87
CA ASN B 244 16.78 13.53 25.95
C ASN B 244 16.60 14.22 24.60
N GLN B 245 17.05 13.60 23.51
CA GLN B 245 16.63 13.99 22.18
C GLN B 245 15.41 13.16 21.78
N ASN B 246 14.54 13.76 20.98
CA ASN B 246 13.32 13.08 20.54
C ASN B 246 13.19 13.22 19.03
N TYR B 247 12.16 12.58 18.49
CA TYR B 247 11.89 12.60 17.05
C TYR B 247 11.63 14.03 16.56
N GLN B 248 12.06 14.28 15.33
CA GLN B 248 11.74 15.53 14.64
C GLN B 248 11.39 15.21 13.19
N PRO B 249 10.43 15.97 12.61
CA PRO B 249 9.75 17.12 13.22
C PRO B 249 8.58 16.74 14.13
N MET B 250 8.29 17.61 15.10
CA MET B 250 7.12 17.39 15.95
C MET B 250 5.87 17.91 15.27
N LYS B 251 5.96 19.02 14.55
CA LYS B 251 4.83 19.58 13.82
C LYS B 251 5.38 20.46 12.70
N ASN B 252 4.48 20.84 11.79
CA ASN B 252 4.73 21.76 10.68
C ASN B 252 5.71 21.20 9.65
N GLY B 253 6.02 19.91 9.71
CA GLY B 253 6.61 19.24 8.58
C GLY B 253 5.55 18.77 7.60
N PRO B 254 6.00 18.16 6.51
CA PRO B 254 5.04 17.59 5.56
C PRO B 254 4.19 16.51 6.23
N PHE B 255 2.93 16.43 5.81
CA PHE B 255 2.04 15.45 6.40
C PHE B 255 2.54 14.04 6.12
N GLY B 256 2.56 13.21 7.15
CA GLY B 256 3.16 11.90 7.08
C GLY B 256 4.54 11.82 7.70
N GLN B 257 5.10 12.95 8.12
CA GLN B 257 6.44 13.00 8.69
C GLN B 257 6.45 13.42 10.16
N ASN B 258 5.35 13.96 10.68
CA ASN B 258 5.33 14.46 12.05
C ASN B 258 5.25 13.31 13.05
N PHE B 259 5.53 13.65 14.31
CA PHE B 259 5.59 12.67 15.39
C PHE B 259 4.33 11.82 15.47
N ARG B 260 3.17 12.41 15.21
CA ARG B 260 1.90 11.70 15.35
C ARG B 260 1.14 11.58 14.03
N ASP B 261 1.81 11.78 12.91
CA ASP B 261 1.15 11.55 11.63
C ASP B 261 1.17 10.07 11.28
N PRO B 262 0.14 9.56 10.61
CA PRO B 262 0.19 8.17 10.14
C PRO B 262 1.21 8.01 9.02
N MET B 263 1.94 6.89 9.07
CA MET B 263 2.94 6.57 8.06
C MET B 263 2.31 5.64 7.03
N TYR B 264 2.05 6.18 5.84
CA TYR B 264 1.57 5.37 4.72
C TYR B 264 2.54 4.20 4.52
N PRO B 265 2.00 2.98 4.29
CA PRO B 265 0.59 2.67 4.05
C PRO B 265 -0.21 2.28 5.28
N TRP B 266 0.26 2.59 6.47
CA TRP B 266 -0.41 2.22 7.70
C TRP B 266 -1.00 3.44 8.38
N ASN B 267 -1.65 3.20 9.52
CA ASN B 267 -2.05 4.26 10.43
C ASN B 267 -1.02 4.50 11.52
N THR B 268 0.00 3.64 11.60
CA THR B 268 1.05 3.78 12.60
C THR B 268 1.72 5.14 12.52
N THR B 269 1.94 5.74 13.67
CA THR B 269 2.65 7.00 13.79
C THR B 269 4.06 6.76 14.28
N PRO B 270 4.99 7.68 14.03
CA PRO B 270 6.33 7.55 14.61
C PRO B 270 6.31 7.37 16.12
N GLU B 271 5.43 8.07 16.82
CA GLU B 271 5.36 7.91 18.27
C GLU B 271 5.08 6.47 18.66
N ASP B 272 4.24 5.77 17.89
CA ASP B 272 3.87 4.40 18.24
C ASP B 272 5.08 3.50 18.34
N VAL B 273 6.14 3.80 17.59
CA VAL B 273 7.32 2.95 17.51
C VAL B 273 8.57 3.62 18.07
N MET B 274 8.41 4.75 18.76
CA MET B 274 9.58 5.48 19.23
C MET B 274 10.36 4.70 20.29
N ASN B 275 9.68 3.89 21.08
CA ASN B 275 10.31 3.06 22.10
C ASN B 275 10.30 1.61 21.60
N HIS B 276 11.46 1.14 21.15
CA HIS B 276 11.51 -0.19 20.55
C HIS B 276 11.29 -1.29 21.59
N ARG B 277 11.68 -1.05 22.84
CA ARG B 277 11.44 -2.03 23.89
C ARG B 277 9.95 -2.19 24.16
N LYS B 278 9.20 -1.09 24.12
CA LYS B 278 7.75 -1.17 24.28
C LYS B 278 7.09 -2.03 23.20
N LEU B 279 7.75 -2.16 22.04
CA LEU B 279 7.23 -2.99 20.96
C LEU B 279 7.46 -4.48 21.17
N GLY B 280 8.17 -4.86 22.23
CA GLY B 280 8.32 -6.25 22.59
C GLY B 280 9.60 -6.92 22.12
N TYR B 281 10.62 -6.16 21.72
CA TYR B 281 11.87 -6.77 21.29
C TYR B 281 13.05 -5.97 21.82
N VAL B 282 14.23 -6.59 21.81
CA VAL B 282 15.52 -5.96 22.14
C VAL B 282 16.65 -6.54 21.32
N TYR B 283 17.76 -5.82 21.23
CA TYR B 283 18.92 -6.32 20.53
C TYR B 283 19.82 -7.03 21.55
N ASP B 284 20.62 -7.99 21.13
CA ASP B 284 21.44 -8.80 22.04
C ASP B 284 22.51 -7.95 22.73
N ILE B 285 22.97 -6.87 22.10
CA ILE B 285 23.98 -6.02 22.73
C ILE B 285 23.42 -5.23 23.90
N GLU B 286 22.11 -5.18 24.05
CA GLU B 286 21.48 -4.51 25.19
C GLU B 286 21.48 -5.36 26.45
N LEU B 287 21.96 -6.59 26.38
CA LEU B 287 21.94 -7.50 27.54
C LEU B 287 23.31 -7.58 28.20
#